data_1N0A
#
_entry.id   1N0A
#
_entity_poly.entity_id   1
_entity_poly.type   'polypeptide(L)'
_entity_poly.pdbx_seq_one_letter_code
;(ACE)CTWEPDGKLTC(NH2)
;
_entity_poly.pdbx_strand_id   A
#
loop_
_chem_comp.id
_chem_comp.type
_chem_comp.name
_chem_comp.formula
ACE non-polymer 'ACETYL GROUP' 'C2 H4 O'
NH2 non-polymer 'AMINO GROUP' 'H2 N'
#
# COMPACT_ATOMS: atom_id res chain seq x y z
C ACE A 1 7.53 -1.30 -5.87
O ACE A 1 7.27 -0.12 -6.05
CH3 ACE A 1 8.86 -1.88 -6.34
H1 ACE A 1 9.45 -1.10 -6.81
H2 ACE A 1 9.40 -2.29 -5.49
H3 ACE A 1 8.68 -2.67 -7.06
N CYS A 2 6.69 -2.16 -5.27
CA CYS A 2 5.38 -1.80 -4.74
C CYS A 2 5.15 -2.51 -3.40
N THR A 3 4.38 -1.88 -2.52
CA THR A 3 4.04 -2.38 -1.19
C THR A 3 2.58 -2.07 -0.87
N TRP A 4 2.03 -2.79 0.12
CA TRP A 4 0.71 -2.54 0.68
C TRP A 4 0.84 -1.70 1.93
N GLU A 5 0.04 -0.64 2.03
CA GLU A 5 -0.01 0.27 3.17
C GLU A 5 -1.03 -0.25 4.18
N PRO A 6 -0.86 0.04 5.49
CA PRO A 6 -1.78 -0.39 6.54
C PRO A 6 -3.17 0.22 6.34
N ASP A 7 -3.24 1.44 5.79
CA ASP A 7 -4.49 2.09 5.41
C ASP A 7 -5.25 1.32 4.32
N GLY A 8 -4.56 0.46 3.54
CA GLY A 8 -5.16 -0.42 2.55
C GLY A 8 -4.66 -0.16 1.13
N LYS A 9 -4.14 1.03 0.85
CA LYS A 9 -3.74 1.41 -0.50
C LYS A 9 -2.51 0.63 -0.96
N LEU A 10 -2.44 0.34 -2.26
CA LEU A 10 -1.31 -0.29 -2.93
C LEU A 10 -0.43 0.83 -3.48
N THR A 11 0.73 1.09 -2.84
CA THR A 11 1.65 2.14 -3.25
C THR A 11 2.80 1.55 -4.07
N CYS A 12 3.41 2.39 -4.93
CA CYS A 12 4.55 2.03 -5.77
C CYS A 12 5.55 3.19 -5.81
N NH2 A 13 6.83 2.87 -5.99
HN1 NH2 A 13 7.52 3.59 -6.03
HN2 NH2 A 13 7.10 1.90 -6.10
C ACE A 1 7.50 -1.62 -5.74
O ACE A 1 7.40 -0.40 -5.81
CH3 ACE A 1 8.78 -2.32 -6.18
H1 ACE A 1 9.49 -1.57 -6.54
H2 ACE A 1 9.22 -2.86 -5.34
H3 ACE A 1 8.56 -3.01 -6.99
N CYS A 2 6.53 -2.42 -5.27
CA CYS A 2 5.24 -1.95 -4.77
C CYS A 2 4.88 -2.66 -3.48
N THR A 3 4.23 -1.94 -2.56
CA THR A 3 3.87 -2.39 -1.23
C THR A 3 2.47 -1.89 -0.87
N TRP A 4 1.71 -2.69 -0.12
CA TRP A 4 0.45 -2.26 0.46
C TRP A 4 0.70 -1.46 1.73
N GLU A 5 -0.11 -0.43 1.95
CA GLU A 5 -0.02 0.47 3.09
C GLU A 5 -0.86 -0.08 4.25
N PRO A 6 -0.62 0.35 5.50
CA PRO A 6 -1.47 0.03 6.65
C PRO A 6 -2.95 0.33 6.40
N ASP A 7 -3.23 1.47 5.76
CA ASP A 7 -4.58 1.90 5.39
C ASP A 7 -5.23 1.02 4.31
N GLY A 8 -4.47 0.13 3.68
CA GLY A 8 -4.98 -0.84 2.72
C GLY A 8 -5.15 -0.24 1.33
N LYS A 9 -4.10 0.44 0.85
CA LYS A 9 -4.00 0.95 -0.50
C LYS A 9 -2.61 0.60 -1.04
N LEU A 10 -2.53 0.28 -2.34
CA LEU A 10 -1.28 -0.08 -2.99
C LEU A 10 -0.50 1.20 -3.34
N THR A 11 0.82 1.21 -3.08
CA THR A 11 1.71 2.27 -3.51
C THR A 11 2.99 1.65 -4.07
N CYS A 12 3.78 2.45 -4.80
CA CYS A 12 4.99 2.01 -5.48
C CYS A 12 6.08 3.08 -5.35
N NH2 A 13 7.34 2.66 -5.47
HN1 NH2 A 13 8.10 3.32 -5.39
HN2 NH2 A 13 7.53 1.67 -5.62
C ACE A 1 7.07 -1.73 -6.13
O ACE A 1 7.01 -0.52 -6.32
CH3 ACE A 1 8.18 -2.56 -6.75
H1 ACE A 1 8.76 -3.03 -5.97
H2 ACE A 1 7.76 -3.31 -7.41
H3 ACE A 1 8.84 -1.91 -7.33
N CYS A 2 6.18 -2.40 -5.38
CA CYS A 2 5.06 -1.79 -4.68
C CYS A 2 4.88 -2.43 -3.31
N THR A 3 4.28 -1.67 -2.38
CA THR A 3 4.08 -2.06 -0.99
C THR A 3 2.66 -1.71 -0.57
N TRP A 4 1.95 -2.68 0.03
CA TRP A 4 0.65 -2.43 0.65
C TRP A 4 0.85 -1.66 1.96
N GLU A 5 0.16 -0.53 2.08
CA GLU A 5 0.15 0.30 3.27
C GLU A 5 -1.01 -0.17 4.16
N PRO A 6 -0.90 -0.04 5.49
CA PRO A 6 -1.86 -0.58 6.45
C PRO A 6 -3.27 0.02 6.27
N ASP A 7 -3.36 1.27 5.81
CA ASP A 7 -4.63 1.91 5.48
C ASP A 7 -5.38 1.20 4.35
N GLY A 8 -4.68 0.41 3.52
CA GLY A 8 -5.26 -0.35 2.42
C GLY A 8 -5.04 0.38 1.10
N LYS A 9 -3.78 0.63 0.75
CA LYS A 9 -3.38 1.30 -0.49
C LYS A 9 -2.10 0.65 -1.00
N LEU A 10 -2.10 0.21 -2.26
CA LEU A 10 -0.93 -0.33 -2.92
C LEU A 10 -0.10 0.84 -3.46
N THR A 11 1.01 1.16 -2.77
CA THR A 11 1.86 2.30 -3.10
C THR A 11 3.06 1.79 -3.88
N CYS A 12 3.17 2.21 -5.15
CA CYS A 12 4.23 1.82 -6.07
C CYS A 12 5.30 2.92 -6.15
N NH2 A 13 6.56 2.51 -6.31
HN1 NH2 A 13 7.29 3.19 -6.37
HN2 NH2 A 13 6.77 1.53 -6.38
C ACE A 1 7.19 -1.56 -4.46
O ACE A 1 7.01 -0.50 -3.87
CH3 ACE A 1 8.60 -2.07 -4.72
H1 ACE A 1 8.73 -3.03 -4.24
H2 ACE A 1 8.76 -2.18 -5.79
H3 ACE A 1 9.33 -1.36 -4.32
N CYS A 2 6.19 -2.33 -4.90
CA CYS A 2 4.78 -1.99 -4.73
C CYS A 2 4.28 -2.57 -3.42
N THR A 3 4.22 -1.72 -2.38
CA THR A 3 3.96 -2.12 -1.01
C THR A 3 2.54 -1.73 -0.59
N TRP A 4 1.77 -2.70 -0.07
CA TRP A 4 0.50 -2.45 0.56
C TRP A 4 0.73 -1.74 1.89
N GLU A 5 0.11 -0.56 2.05
CA GLU A 5 0.21 0.24 3.27
C GLU A 5 -0.90 -0.17 4.25
N PRO A 6 -0.75 0.11 5.56
CA PRO A 6 -1.72 -0.26 6.58
C PRO A 6 -3.16 0.16 6.27
N ASP A 7 -3.34 1.37 5.72
CA ASP A 7 -4.63 1.91 5.34
C ASP A 7 -5.31 1.11 4.22
N GLY A 8 -4.53 0.33 3.45
CA GLY A 8 -5.02 -0.50 2.36
C GLY A 8 -4.88 0.23 1.03
N LYS A 9 -3.64 0.59 0.68
CA LYS A 9 -3.31 1.22 -0.59
C LYS A 9 -2.00 0.63 -1.12
N LEU A 10 -2.04 0.07 -2.32
CA LEU A 10 -0.87 -0.44 -3.01
C LEU A 10 -0.04 0.75 -3.50
N THR A 11 0.98 1.13 -2.73
CA THR A 11 1.79 2.31 -2.97
C THR A 11 3.08 1.88 -3.66
N CYS A 12 3.32 2.40 -4.86
CA CYS A 12 4.45 2.04 -5.70
C CYS A 12 5.01 3.27 -6.40
N NH2 A 13 6.28 3.24 -6.78
HN1 NH2 A 13 6.69 4.03 -7.25
HN2 NH2 A 13 6.84 2.41 -6.60
C ACE A 1 7.23 -1.65 -4.49
O ACE A 1 7.08 -0.57 -3.92
CH3 ACE A 1 8.63 -2.20 -4.77
H1 ACE A 1 8.77 -2.33 -5.84
H2 ACE A 1 9.38 -1.51 -4.38
H3 ACE A 1 8.75 -3.16 -4.27
N CYS A 2 6.21 -2.41 -4.91
CA CYS A 2 4.82 -2.04 -4.74
C CYS A 2 4.32 -2.60 -3.39
N THR A 3 4.28 -1.73 -2.37
CA THR A 3 4.01 -2.10 -0.99
C THR A 3 2.58 -1.72 -0.61
N TRP A 4 1.83 -2.68 -0.06
CA TRP A 4 0.53 -2.43 0.55
C TRP A 4 0.75 -1.72 1.89
N GLU A 5 0.08 -0.57 2.07
CA GLU A 5 0.18 0.24 3.27
C GLU A 5 -0.89 -0.22 4.29
N PRO A 6 -0.74 0.08 5.59
CA PRO A 6 -1.71 -0.24 6.62
C PRO A 6 -3.14 0.19 6.28
N ASP A 7 -3.28 1.37 5.67
CA ASP A 7 -4.56 1.95 5.24
C ASP A 7 -5.15 1.25 4.01
N GLY A 8 -4.53 0.17 3.52
CA GLY A 8 -5.07 -0.65 2.45
C GLY A 8 -5.01 0.04 1.10
N LYS A 9 -3.82 0.52 0.72
CA LYS A 9 -3.56 1.13 -0.58
C LYS A 9 -2.20 0.63 -1.08
N LEU A 10 -2.13 0.26 -2.36
CA LEU A 10 -0.90 -0.24 -2.99
C LEU A 10 -0.06 0.95 -3.45
N THR A 11 1.00 1.27 -2.70
CA THR A 11 1.88 2.39 -2.97
C THR A 11 3.13 1.87 -3.68
N CYS A 12 3.38 2.37 -4.90
CA CYS A 12 4.50 1.96 -5.73
C CYS A 12 5.09 3.18 -6.44
N NH2 A 13 6.36 3.11 -6.82
HN1 NH2 A 13 6.80 3.89 -7.29
HN2 NH2 A 13 6.90 2.28 -6.62
C ACE A 1 7.51 -2.16 -5.26
O ACE A 1 7.60 -1.05 -4.73
CH3 ACE A 1 8.75 -2.83 -5.84
H1 ACE A 1 9.62 -2.18 -5.71
H2 ACE A 1 8.93 -3.77 -5.34
H3 ACE A 1 8.60 -3.01 -6.90
N CYS A 2 6.36 -2.84 -5.35
CA CYS A 2 5.09 -2.35 -4.85
C CYS A 2 4.89 -2.77 -3.40
N THR A 3 4.31 -1.88 -2.59
CA THR A 3 4.16 -2.05 -1.15
C THR A 3 2.74 -1.67 -0.74
N TRP A 4 2.13 -2.43 0.17
CA TRP A 4 0.83 -2.12 0.74
C TRP A 4 1.00 -1.27 2.00
N GLU A 5 0.16 -0.25 2.14
CA GLU A 5 0.01 0.54 3.35
C GLU A 5 -1.05 -0.12 4.24
N PRO A 6 -0.97 0.03 5.57
CA PRO A 6 -1.89 -0.60 6.51
C PRO A 6 -3.34 -0.15 6.31
N ASP A 7 -3.56 1.10 5.85
CA ASP A 7 -4.88 1.60 5.52
C ASP A 7 -5.52 0.86 4.33
N GLY A 8 -4.73 0.15 3.52
CA GLY A 8 -5.20 -0.60 2.37
C GLY A 8 -5.08 0.22 1.10
N LYS A 9 -3.85 0.66 0.78
CA LYS A 9 -3.52 1.40 -0.42
C LYS A 9 -2.17 0.91 -0.93
N LEU A 10 -2.11 0.52 -2.21
CA LEU A 10 -0.89 0.05 -2.85
C LEU A 10 -0.07 1.24 -3.31
N THR A 11 1.08 1.48 -2.66
CA THR A 11 2.06 2.48 -3.03
C THR A 11 3.19 1.81 -3.80
N CYS A 12 3.34 2.17 -5.08
CA CYS A 12 4.35 1.62 -5.97
C CYS A 12 4.91 2.73 -6.86
N NH2 A 13 6.17 2.59 -7.28
HN1 NH2 A 13 6.59 3.30 -7.87
HN2 NH2 A 13 6.70 1.77 -7.01
C ACE A 1 7.54 -3.02 -6.09
O ACE A 1 8.00 -1.89 -6.16
CH3 ACE A 1 8.32 -4.20 -6.68
H1 ACE A 1 9.26 -3.86 -7.09
H2 ACE A 1 8.51 -4.92 -5.88
H3 ACE A 1 7.73 -4.68 -7.46
N CYS A 2 6.35 -3.31 -5.55
CA CYS A 2 5.47 -2.32 -4.94
C CYS A 2 5.19 -2.68 -3.48
N THR A 3 4.56 -1.76 -2.74
CA THR A 3 4.23 -1.92 -1.33
C THR A 3 2.75 -1.67 -1.08
N TRP A 4 2.25 -2.21 0.03
CA TRP A 4 0.89 -2.01 0.53
C TRP A 4 0.97 -1.27 1.87
N GLU A 5 0.09 -0.29 2.06
CA GLU A 5 0.05 0.56 3.24
C GLU A 5 -0.98 0.00 4.23
N PRO A 6 -0.79 0.19 5.56
CA PRO A 6 -1.69 -0.30 6.60
C PRO A 6 -3.17 -0.02 6.36
N ASP A 7 -3.50 1.18 5.85
CA ASP A 7 -4.87 1.62 5.61
C ASP A 7 -5.57 0.82 4.50
N GLY A 8 -4.83 0.02 3.72
CA GLY A 8 -5.39 -0.77 2.63
C GLY A 8 -5.34 0.01 1.33
N LYS A 9 -4.13 0.40 0.92
CA LYS A 9 -3.86 1.15 -0.29
C LYS A 9 -2.56 0.62 -0.90
N LEU A 10 -2.43 0.72 -2.23
CA LEU A 10 -1.26 0.29 -2.99
C LEU A 10 -0.47 1.54 -3.40
N THR A 11 0.82 1.59 -3.04
CA THR A 11 1.75 2.60 -3.54
C THR A 11 3.03 1.88 -3.93
N CYS A 12 3.53 2.14 -5.14
CA CYS A 12 4.69 1.43 -5.69
C CYS A 12 5.96 2.26 -5.51
N NH2 A 13 7.12 1.59 -5.46
HN1 NH2 A 13 7.98 2.10 -5.35
HN2 NH2 A 13 7.13 0.58 -5.53
C ACE A 1 7.80 -2.47 -5.35
O ACE A 1 8.10 -1.31 -5.05
CH3 ACE A 1 8.86 -3.41 -5.90
H1 ACE A 1 8.96 -4.27 -5.24
H2 ACE A 1 8.58 -3.75 -6.89
H3 ACE A 1 9.84 -2.89 -5.95
N CYS A 2 6.57 -2.97 -5.23
CA CYS A 2 5.43 -2.22 -4.73
C CYS A 2 5.06 -2.70 -3.32
N THR A 3 4.36 -1.83 -2.57
CA THR A 3 4.09 -2.01 -1.15
C THR A 3 2.65 -1.60 -0.82
N TRP A 4 1.95 -2.44 -0.07
CA TRP A 4 0.65 -2.12 0.50
C TRP A 4 0.84 -1.32 1.79
N GLU A 5 -0.03 -0.32 1.99
CA GLU A 5 -0.07 0.52 3.17
C GLU A 5 -1.02 -0.13 4.20
N PRO A 6 -0.84 0.13 5.50
CA PRO A 6 -1.66 -0.45 6.56
C PRO A 6 -3.13 -0.03 6.43
N ASP A 7 -3.39 1.19 5.94
CA ASP A 7 -4.74 1.67 5.66
C ASP A 7 -5.42 0.90 4.52
N GLY A 8 -4.66 0.14 3.72
CA GLY A 8 -5.18 -0.66 2.62
C GLY A 8 -5.17 0.13 1.32
N LYS A 9 -3.98 0.58 0.90
CA LYS A 9 -3.76 1.27 -0.36
C LYS A 9 -2.43 0.80 -0.95
N LEU A 10 -2.45 0.38 -2.22
CA LEU A 10 -1.25 0.00 -2.94
C LEU A 10 -0.52 1.26 -3.40
N THR A 11 0.78 1.32 -3.16
CA THR A 11 1.66 2.36 -3.70
C THR A 11 2.96 1.70 -4.15
N CYS A 12 3.66 2.31 -5.12
CA CYS A 12 4.87 1.76 -5.70
C CYS A 12 5.91 2.84 -5.94
N NH2 A 13 7.19 2.47 -5.97
HN1 NH2 A 13 7.92 3.15 -6.12
HN2 NH2 A 13 7.44 1.49 -5.82
C ACE A 1 7.19 -1.59 -4.49
O ACE A 1 7.03 -0.52 -3.91
CH3 ACE A 1 8.61 -2.10 -4.75
H1 ACE A 1 9.34 -1.40 -4.36
H2 ACE A 1 8.74 -3.07 -4.27
H3 ACE A 1 8.75 -2.22 -5.84
N CYS A 2 6.19 -2.35 -4.92
CA CYS A 2 4.79 -2.00 -4.76
C CYS A 2 4.29 -2.58 -3.42
N THR A 3 4.25 -1.73 -2.39
CA THR A 3 3.99 -2.11 -1.01
C THR A 3 2.56 -1.73 -0.61
N TRP A 4 1.82 -2.70 -0.05
CA TRP A 4 0.54 -2.44 0.58
C TRP A 4 0.77 -1.71 1.90
N GLU A 5 0.11 -0.56 2.06
CA GLU A 5 0.20 0.27 3.26
C GLU A 5 -0.90 -0.17 4.24
N PRO A 6 -0.75 0.10 5.55
CA PRO A 6 -1.72 -0.27 6.58
C PRO A 6 -3.16 0.14 6.26
N ASP A 7 -3.33 1.36 5.72
CA ASP A 7 -4.63 1.90 5.35
C ASP A 7 -5.32 1.13 4.21
N GLY A 8 -4.57 0.30 3.47
CA GLY A 8 -5.09 -0.51 2.38
C GLY A 8 -4.93 0.22 1.05
N LYS A 9 -3.68 0.56 0.69
CA LYS A 9 -3.34 1.23 -0.56
C LYS A 9 -2.04 0.61 -1.08
N LEU A 10 -2.07 0.13 -2.33
CA LEU A 10 -0.90 -0.39 -3.00
C LEU A 10 -0.07 0.78 -3.51
N THR A 11 0.95 1.18 -2.74
CA THR A 11 1.78 2.34 -3.01
C THR A 11 3.08 1.87 -3.68
N CYS A 12 3.34 2.38 -4.88
CA CYS A 12 4.49 2.00 -5.70
C CYS A 12 5.09 3.22 -6.38
N NH2 A 13 6.38 3.16 -6.72
HN1 NH2 A 13 6.81 3.94 -7.18
HN2 NH2 A 13 6.91 2.31 -6.52
C ACE A 1 7.56 -1.48 -5.55
O ACE A 1 7.60 -0.25 -5.47
CH3 ACE A 1 8.78 -2.26 -6.04
H1 ACE A 1 9.59 -1.56 -6.28
H2 ACE A 1 9.11 -2.95 -5.27
H3 ACE A 1 8.52 -2.82 -6.94
N CYS A 2 6.49 -2.20 -5.22
CA CYS A 2 5.24 -1.64 -4.70
C CYS A 2 4.73 -2.52 -3.56
N THR A 3 4.11 -1.88 -2.56
CA THR A 3 3.73 -2.50 -1.30
C THR A 3 2.36 -1.99 -0.85
N TRP A 4 1.64 -2.82 -0.09
CA TRP A 4 0.41 -2.45 0.58
C TRP A 4 0.73 -1.62 1.83
N GLU A 5 0.02 -0.49 1.99
CA GLU A 5 0.15 0.38 3.15
C GLU A 5 -0.83 -0.08 4.25
N PRO A 6 -0.58 0.28 5.52
CA PRO A 6 -1.47 -0.01 6.64
C PRO A 6 -2.93 0.38 6.37
N ASP A 7 -3.16 1.52 5.71
CA ASP A 7 -4.49 2.03 5.40
C ASP A 7 -5.12 1.36 4.17
N GLY A 8 -4.56 0.23 3.70
CA GLY A 8 -5.18 -0.62 2.69
C GLY A 8 -5.19 0.02 1.31
N LYS A 9 -4.00 0.34 0.78
CA LYS A 9 -3.83 0.79 -0.60
C LYS A 9 -2.44 0.41 -1.11
N LEU A 10 -2.36 0.04 -2.39
CA LEU A 10 -1.13 -0.38 -3.04
C LEU A 10 -0.41 0.86 -3.55
N THR A 11 0.82 1.12 -3.07
CA THR A 11 1.61 2.27 -3.48
C THR A 11 3.02 1.82 -3.90
N CYS A 12 3.57 2.48 -4.92
CA CYS A 12 4.88 2.19 -5.49
C CYS A 12 5.92 3.17 -4.98
N NH2 A 13 7.17 2.71 -4.85
HN1 NH2 A 13 7.90 3.32 -4.52
HN2 NH2 A 13 7.38 1.75 -5.09
C ACE A 1 7.37 -1.49 -4.48
O ACE A 1 7.03 -0.39 -4.07
CH3 ACE A 1 8.84 -1.82 -4.70
H1 ACE A 1 9.01 -2.08 -5.75
H2 ACE A 1 9.45 -0.97 -4.44
H3 ACE A 1 9.12 -2.67 -4.07
N CYS A 2 6.49 -2.47 -4.77
CA CYS A 2 5.05 -2.32 -4.65
C CYS A 2 4.62 -2.72 -3.24
N THR A 3 4.56 -1.73 -2.35
CA THR A 3 4.26 -1.88 -0.94
C THR A 3 2.80 -1.54 -0.68
N TRP A 4 2.08 -2.43 0.01
CA TRP A 4 0.75 -2.15 0.52
C TRP A 4 0.86 -1.42 1.86
N GLU A 5 0.03 -0.40 2.05
CA GLU A 5 -0.04 0.36 3.29
C GLU A 5 -1.06 -0.30 4.22
N PRO A 6 -0.93 -0.14 5.55
CA PRO A 6 -1.85 -0.70 6.53
C PRO A 6 -3.27 -0.15 6.36
N ASP A 7 -3.41 1.10 5.91
CA ASP A 7 -4.70 1.70 5.58
C ASP A 7 -5.40 0.99 4.41
N GLY A 8 -4.66 0.20 3.61
CA GLY A 8 -5.20 -0.55 2.50
C GLY A 8 -5.12 0.25 1.20
N LYS A 9 -3.90 0.63 0.81
CA LYS A 9 -3.62 1.34 -0.43
C LYS A 9 -2.29 0.85 -0.99
N LEU A 10 -2.26 0.61 -2.31
CA LEU A 10 -1.08 0.18 -3.04
C LEU A 10 -0.21 1.41 -3.33
N THR A 11 1.06 1.37 -2.93
CA THR A 11 2.06 2.39 -3.23
C THR A 11 3.22 1.73 -3.96
N CYS A 12 3.40 2.05 -5.25
CA CYS A 12 4.49 1.54 -6.07
C CYS A 12 5.02 2.65 -6.98
N NH2 A 13 6.30 2.57 -7.36
HN1 NH2 A 13 6.69 3.28 -7.95
HN2 NH2 A 13 6.87 1.79 -7.04
C ACE A 1 7.22 -1.46 -4.42
O ACE A 1 7.03 -0.39 -3.82
CH3 ACE A 1 8.63 -1.95 -4.67
H1 ACE A 1 8.77 -2.93 -4.21
H2 ACE A 1 8.80 -2.04 -5.75
H3 ACE A 1 9.36 -1.25 -4.26
N CYS A 2 6.22 -2.22 -4.88
CA CYS A 2 4.82 -1.89 -4.70
C CYS A 2 4.31 -2.50 -3.39
N THR A 3 4.17 -1.66 -2.36
CA THR A 3 3.91 -2.06 -0.99
C THR A 3 2.47 -1.76 -0.58
N TRP A 4 1.75 -2.77 -0.09
CA TRP A 4 0.46 -2.60 0.55
C TRP A 4 0.67 -1.92 1.89
N GLU A 5 0.14 -0.70 2.05
CA GLU A 5 0.28 0.09 3.26
C GLU A 5 -0.86 -0.23 4.23
N PRO A 6 -0.71 0.02 5.55
CA PRO A 6 -1.72 -0.27 6.57
C PRO A 6 -3.12 0.27 6.23
N ASP A 7 -3.18 1.48 5.66
CA ASP A 7 -4.44 2.13 5.26
C ASP A 7 -5.19 1.35 4.18
N GLY A 8 -4.51 0.45 3.45
CA GLY A 8 -5.11 -0.39 2.42
C GLY A 8 -4.94 0.26 1.05
N LYS A 9 -3.69 0.50 0.65
CA LYS A 9 -3.35 1.06 -0.66
C LYS A 9 -2.04 0.46 -1.14
N LEU A 10 -2.05 -0.05 -2.38
CA LEU A 10 -0.86 -0.56 -3.04
C LEU A 10 -0.06 0.63 -3.56
N THR A 11 0.89 1.11 -2.75
CA THR A 11 1.64 2.32 -3.00
C THR A 11 2.99 1.95 -3.59
N CYS A 12 3.30 2.48 -4.78
CA CYS A 12 4.47 2.13 -5.57
C CYS A 12 5.07 3.37 -6.22
N NH2 A 13 6.38 3.32 -6.52
HN1 NH2 A 13 6.81 4.12 -6.95
HN2 NH2 A 13 6.90 2.49 -6.33
C ACE A 1 7.18 -1.45 -5.88
O ACE A 1 7.17 -0.22 -5.89
CH3 ACE A 1 8.33 -2.23 -6.50
H1 ACE A 1 8.80 -2.85 -5.74
H2 ACE A 1 7.96 -2.85 -7.31
H3 ACE A 1 9.07 -1.53 -6.90
N CYS A 2 6.19 -2.18 -5.35
CA CYS A 2 5.02 -1.63 -4.69
C CYS A 2 4.66 -2.46 -3.46
N THR A 3 4.07 -1.81 -2.46
CA THR A 3 3.75 -2.40 -1.16
C THR A 3 2.39 -1.93 -0.67
N TRP A 4 1.64 -2.84 -0.04
CA TRP A 4 0.41 -2.51 0.66
C TRP A 4 0.73 -1.73 1.94
N GLU A 5 0.14 -0.54 2.07
CA GLU A 5 0.28 0.30 3.24
C GLU A 5 -0.83 -0.07 4.26
N PRO A 6 -0.68 0.29 5.55
CA PRO A 6 -1.64 -0.04 6.59
C PRO A 6 -3.09 0.31 6.26
N ASP A 7 -3.30 1.46 5.59
CA ASP A 7 -4.61 1.95 5.18
C ASP A 7 -5.14 1.26 3.89
N GLY A 8 -4.54 0.14 3.48
CA GLY A 8 -4.99 -0.66 2.35
C GLY A 8 -4.80 0.08 1.03
N LYS A 9 -3.59 0.58 0.79
CA LYS A 9 -3.22 1.31 -0.43
C LYS A 9 -2.00 0.64 -1.04
N LEU A 10 -2.16 0.09 -2.26
CA LEU A 10 -1.09 -0.51 -3.03
C LEU A 10 -0.21 0.60 -3.57
N THR A 11 0.79 1.01 -2.79
CA THR A 11 1.60 2.20 -3.04
C THR A 11 2.91 1.81 -3.71
N CYS A 12 3.20 2.40 -4.86
CA CYS A 12 4.40 2.13 -5.66
C CYS A 12 5.46 3.20 -5.42
N NH2 A 13 6.73 2.80 -5.48
HN1 NH2 A 13 7.47 3.46 -5.31
HN2 NH2 A 13 6.95 1.83 -5.66
C ACE A 1 7.38 -2.27 -6.34
O ACE A 1 7.42 -1.07 -6.58
CH3 ACE A 1 8.43 -3.20 -6.96
H1 ACE A 1 8.98 -3.70 -6.17
H2 ACE A 1 7.93 -3.95 -7.59
H3 ACE A 1 9.13 -2.62 -7.58
N CYS A 2 6.47 -2.85 -5.56
CA CYS A 2 5.42 -2.12 -4.86
C CYS A 2 5.21 -2.66 -3.46
N THR A 3 4.43 -1.91 -2.67
CA THR A 3 4.14 -2.15 -1.26
C THR A 3 2.67 -1.84 -1.00
N TRP A 4 2.17 -2.27 0.17
CA TRP A 4 0.84 -1.95 0.65
C TRP A 4 0.95 -1.11 1.93
N GLU A 5 -0.01 -0.19 2.10
CA GLU A 5 -0.16 0.63 3.30
C GLU A 5 -1.08 -0.12 4.28
N PRO A 6 -0.94 0.12 5.61
CA PRO A 6 -1.79 -0.49 6.61
C PRO A 6 -3.26 -0.10 6.43
N ASP A 7 -3.52 1.13 5.96
CA ASP A 7 -4.85 1.61 5.60
C ASP A 7 -5.46 0.86 4.39
N GLY A 8 -4.65 0.10 3.64
CA GLY A 8 -5.11 -0.70 2.53
C GLY A 8 -5.14 0.11 1.24
N LYS A 9 -3.98 0.64 0.84
CA LYS A 9 -3.77 1.32 -0.43
C LYS A 9 -2.42 0.90 -1.00
N LEU A 10 -2.36 0.72 -2.31
CA LEU A 10 -1.21 0.16 -3.02
C LEU A 10 -0.25 1.30 -3.40
N THR A 11 0.97 1.28 -2.86
CA THR A 11 2.01 2.27 -3.10
C THR A 11 3.14 1.62 -3.89
N CYS A 12 3.33 2.03 -5.15
CA CYS A 12 4.40 1.57 -6.01
C CYS A 12 5.55 2.58 -6.04
N NH2 A 13 6.77 2.08 -6.25
HN1 NH2 A 13 7.56 2.71 -6.27
HN2 NH2 A 13 6.91 1.09 -6.38
C ACE A 1 7.55 -1.35 -5.26
O ACE A 1 7.29 -0.27 -4.72
CH3 ACE A 1 8.93 -1.59 -5.88
H1 ACE A 1 9.55 -0.70 -5.74
H2 ACE A 1 9.41 -2.44 -5.39
H3 ACE A 1 8.82 -1.79 -6.94
N CYS A 2 6.67 -2.35 -5.35
CA CYS A 2 5.30 -2.27 -4.89
C CYS A 2 5.18 -2.70 -3.43
N THR A 3 4.40 -1.94 -2.65
CA THR A 3 4.15 -2.13 -1.24
C THR A 3 2.68 -1.85 -0.93
N TRP A 4 2.21 -2.34 0.22
CA TRP A 4 0.88 -2.07 0.74
C TRP A 4 1.00 -1.28 2.04
N GLU A 5 0.17 -0.23 2.17
CA GLU A 5 0.04 0.55 3.38
C GLU A 5 -1.06 -0.09 4.24
N PRO A 6 -1.00 0.01 5.57
CA PRO A 6 -1.92 -0.66 6.48
C PRO A 6 -3.37 -0.20 6.31
N ASP A 7 -3.59 1.05 5.91
CA ASP A 7 -4.92 1.57 5.60
C ASP A 7 -5.58 0.87 4.40
N GLY A 8 -4.78 0.21 3.55
CA GLY A 8 -5.25 -0.49 2.37
C GLY A 8 -5.08 0.38 1.13
N LYS A 9 -3.83 0.78 0.86
CA LYS A 9 -3.44 1.58 -0.30
C LYS A 9 -2.18 0.96 -0.89
N LEU A 10 -2.26 0.57 -2.18
CA LEU A 10 -1.14 0.04 -2.93
C LEU A 10 -0.26 1.21 -3.36
N THR A 11 0.95 1.31 -2.78
CA THR A 11 1.93 2.34 -3.11
C THR A 11 3.08 1.66 -3.84
N CYS A 12 3.32 2.04 -5.10
CA CYS A 12 4.36 1.45 -5.93
C CYS A 12 5.07 2.51 -6.77
N NH2 A 13 6.39 2.35 -6.95
HN1 NH2 A 13 6.85 1.55 -6.54
HN2 NH2 A 13 6.92 3.02 -7.49
C ACE A 1 7.07 -0.99 -4.41
O ACE A 1 6.70 -0.01 -3.77
CH3 ACE A 1 8.56 -1.20 -4.68
H1 ACE A 1 8.73 -1.22 -5.77
H2 ACE A 1 9.14 -0.38 -4.24
H3 ACE A 1 8.88 -2.14 -4.25
N CYS A 2 6.25 -1.91 -4.90
CA CYS A 2 4.79 -1.86 -4.80
C CYS A 2 4.35 -2.53 -3.49
N THR A 3 4.39 -1.73 -2.42
CA THR A 3 4.10 -2.15 -1.06
C THR A 3 2.68 -1.74 -0.69
N TRP A 4 1.94 -2.65 -0.05
CA TRP A 4 0.65 -2.34 0.55
C TRP A 4 0.86 -1.56 1.85
N GLU A 5 0.16 -0.43 1.97
CA GLU A 5 0.16 0.41 3.16
C GLU A 5 -0.95 -0.07 4.09
N PRO A 6 -0.79 0.08 5.42
CA PRO A 6 -1.69 -0.49 6.41
C PRO A 6 -3.11 0.07 6.32
N ASP A 7 -3.28 1.32 5.86
CA ASP A 7 -4.60 1.91 5.63
C ASP A 7 -5.38 1.18 4.52
N GLY A 8 -4.69 0.45 3.64
CA GLY A 8 -5.31 -0.42 2.64
C GLY A 8 -5.24 0.20 1.24
N LYS A 9 -4.02 0.47 0.76
CA LYS A 9 -3.78 0.94 -0.59
C LYS A 9 -2.39 0.51 -1.07
N LEU A 10 -2.27 0.14 -2.34
CA LEU A 10 -1.00 -0.24 -2.96
C LEU A 10 -0.24 1.02 -3.33
N THR A 11 1.08 1.04 -3.05
CA THR A 11 1.93 2.20 -3.29
C THR A 11 3.26 1.75 -3.88
N CYS A 12 3.52 2.15 -5.14
CA CYS A 12 4.70 1.80 -5.90
C CYS A 12 5.69 2.97 -5.82
N NH2 A 13 6.61 2.92 -4.86
HN1 NH2 A 13 6.62 2.13 -4.22
HN2 NH2 A 13 7.27 3.67 -4.75
C ACE A 1 7.01 -0.70 -4.33
O ACE A 1 6.53 0.24 -3.70
CH3 ACE A 1 8.51 -0.78 -4.56
H1 ACE A 1 8.90 -1.70 -4.12
H2 ACE A 1 8.72 -0.78 -5.63
H3 ACE A 1 9.00 0.07 -4.10
N CYS A 2 6.27 -1.69 -4.86
CA CYS A 2 4.82 -1.79 -4.79
C CYS A 2 4.42 -2.53 -3.51
N THR A 3 4.29 -1.76 -2.43
CA THR A 3 4.03 -2.24 -1.08
C THR A 3 2.63 -1.86 -0.63
N TRP A 4 1.93 -2.80 0.02
CA TRP A 4 0.66 -2.53 0.67
C TRP A 4 0.89 -1.70 1.93
N GLU A 5 0.22 -0.55 2.01
CA GLU A 5 0.23 0.32 3.17
C GLU A 5 -0.94 -0.10 4.09
N PRO A 6 -0.81 0.06 5.42
CA PRO A 6 -1.76 -0.47 6.39
C PRO A 6 -3.17 0.12 6.25
N ASP A 7 -3.28 1.36 5.75
CA ASP A 7 -4.56 1.98 5.44
C ASP A 7 -5.33 1.24 4.34
N GLY A 8 -4.64 0.45 3.50
CA GLY A 8 -5.21 -0.33 2.44
C GLY A 8 -5.02 0.37 1.09
N LYS A 9 -3.77 0.61 0.72
CA LYS A 9 -3.39 1.25 -0.54
C LYS A 9 -2.10 0.62 -1.05
N LEU A 10 -2.15 0.10 -2.29
CA LEU A 10 -0.98 -0.47 -2.95
C LEU A 10 -0.13 0.69 -3.50
N THR A 11 0.92 1.05 -2.76
CA THR A 11 1.76 2.21 -3.08
C THR A 11 3.03 1.73 -3.78
N CYS A 12 3.21 2.15 -5.03
CA CYS A 12 4.39 1.88 -5.85
C CYS A 12 5.31 3.10 -5.80
N NH2 A 13 6.24 3.10 -4.85
HN1 NH2 A 13 6.33 2.32 -4.22
HN2 NH2 A 13 6.88 3.89 -4.77
C ACE A 1 7.60 -1.33 -5.21
O ACE A 1 7.34 -0.27 -4.65
CH3 ACE A 1 8.99 -1.56 -5.80
H1 ACE A 1 8.90 -1.73 -6.88
H2 ACE A 1 9.61 -0.69 -5.64
H3 ACE A 1 9.45 -2.43 -5.33
N CYS A 2 6.72 -2.33 -5.35
CA CYS A 2 5.34 -2.24 -4.91
C CYS A 2 5.18 -2.72 -3.47
N THR A 3 4.40 -1.97 -2.69
CA THR A 3 4.13 -2.20 -1.28
C THR A 3 2.65 -1.91 -1.00
N TRP A 4 2.17 -2.35 0.16
CA TRP A 4 0.84 -2.05 0.67
C TRP A 4 0.96 -1.25 1.97
N GLU A 5 0.16 -0.20 2.11
CA GLU A 5 0.04 0.58 3.33
C GLU A 5 -1.05 -0.05 4.20
N PRO A 6 -0.97 0.06 5.54
CA PRO A 6 -1.88 -0.61 6.46
C PRO A 6 -3.33 -0.14 6.32
N ASP A 7 -3.55 1.11 5.90
CA ASP A 7 -4.88 1.62 5.61
C ASP A 7 -5.55 0.89 4.44
N GLY A 8 -4.76 0.22 3.58
CA GLY A 8 -5.25 -0.52 2.43
C GLY A 8 -5.10 0.32 1.17
N LYS A 9 -3.87 0.71 0.85
CA LYS A 9 -3.52 1.50 -0.33
C LYS A 9 -2.23 0.94 -0.93
N LEU A 10 -2.31 0.49 -2.18
CA LEU A 10 -1.17 0.00 -2.94
C LEU A 10 -0.30 1.20 -3.32
N THR A 11 0.93 1.24 -2.80
CA THR A 11 1.90 2.29 -3.07
C THR A 11 3.10 1.65 -3.77
N CYS A 12 3.37 2.08 -5.01
CA CYS A 12 4.43 1.50 -5.83
C CYS A 12 5.17 2.60 -6.61
N NH2 A 13 6.49 2.43 -6.76
HN1 NH2 A 13 6.94 1.62 -6.37
HN2 NH2 A 13 7.03 3.11 -7.27
C ACE A 1 6.90 -0.90 -4.61
O ACE A 1 6.57 0.12 -4.00
CH3 ACE A 1 8.35 -1.13 -5.00
H1 ACE A 1 8.44 -1.23 -6.08
H2 ACE A 1 8.96 -0.29 -4.65
H3 ACE A 1 8.71 -2.05 -4.53
N CYS A 2 6.03 -1.86 -4.97
CA CYS A 2 4.59 -1.81 -4.73
C CYS A 2 4.28 -2.43 -3.36
N THR A 3 4.26 -1.56 -2.34
CA THR A 3 4.08 -1.93 -0.95
C THR A 3 2.63 -1.69 -0.53
N TRP A 4 1.99 -2.71 0.06
CA TRP A 4 0.69 -2.56 0.69
C TRP A 4 0.85 -1.80 2.01
N GLU A 5 0.18 -0.65 2.10
CA GLU A 5 0.16 0.20 3.29
C GLU A 5 -1.00 -0.25 4.18
N PRO A 6 -0.91 -0.07 5.51
CA PRO A 6 -1.89 -0.56 6.46
C PRO A 6 -3.27 0.07 6.28
N ASP A 7 -3.33 1.31 5.78
CA ASP A 7 -4.57 1.98 5.42
C ASP A 7 -5.33 1.26 4.29
N GLY A 8 -4.62 0.44 3.49
CA GLY A 8 -5.20 -0.34 2.41
C GLY A 8 -4.99 0.36 1.07
N LYS A 9 -3.72 0.60 0.71
CA LYS A 9 -3.34 1.20 -0.55
C LYS A 9 -2.03 0.58 -1.03
N LEU A 10 -1.99 0.15 -2.29
CA LEU A 10 -0.81 -0.41 -2.92
C LEU A 10 0.02 0.75 -3.51
N THR A 11 1.08 1.15 -2.81
CA THR A 11 1.89 2.31 -3.17
C THR A 11 3.15 1.84 -3.90
N CYS A 12 3.24 2.15 -5.19
CA CYS A 12 4.33 1.77 -6.07
C CYS A 12 5.30 2.94 -6.20
N NH2 A 13 6.32 2.97 -5.35
HN1 NH2 A 13 6.42 2.22 -4.67
HN2 NH2 A 13 6.99 3.72 -5.38
C ACE A 1 6.87 -0.98 -4.56
O ACE A 1 6.57 0.05 -3.95
CH3 ACE A 1 8.33 -1.26 -4.91
H1 ACE A 1 8.96 -0.45 -4.55
H2 ACE A 1 8.64 -2.19 -4.44
H3 ACE A 1 8.44 -1.34 -6.00
N CYS A 2 5.98 -1.90 -4.95
CA CYS A 2 4.55 -1.82 -4.75
C CYS A 2 4.19 -2.44 -3.40
N THR A 3 4.18 -1.60 -2.36
CA THR A 3 3.96 -1.97 -0.97
C THR A 3 2.54 -1.66 -0.54
N TRP A 4 1.83 -2.67 0.00
CA TRP A 4 0.54 -2.47 0.65
C TRP A 4 0.75 -1.75 1.98
N GLU A 5 0.11 -0.59 2.14
CA GLU A 5 0.18 0.21 3.35
C GLU A 5 -0.94 -0.23 4.32
N PRO A 6 -0.81 0.04 5.63
CA PRO A 6 -1.79 -0.32 6.64
C PRO A 6 -3.22 0.12 6.30
N ASP A 7 -3.37 1.33 5.76
CA ASP A 7 -4.65 1.91 5.35
C ASP A 7 -5.30 1.12 4.21
N GLY A 8 -4.54 0.31 3.46
CA GLY A 8 -5.03 -0.51 2.36
C GLY A 8 -4.89 0.23 1.04
N LYS A 9 -3.64 0.58 0.69
CA LYS A 9 -3.30 1.22 -0.57
C LYS A 9 -2.00 0.61 -1.08
N LEU A 10 -1.99 0.16 -2.35
CA LEU A 10 -0.82 -0.40 -3.01
C LEU A 10 0.02 0.77 -3.55
N THR A 11 1.08 1.14 -2.83
CA THR A 11 1.91 2.29 -3.13
C THR A 11 3.18 1.83 -3.86
N CYS A 12 3.29 2.18 -5.14
CA CYS A 12 4.39 1.81 -6.01
C CYS A 12 5.37 2.98 -6.10
N NH2 A 13 6.35 2.98 -5.20
HN1 NH2 A 13 6.41 2.24 -4.52
HN2 NH2 A 13 7.04 3.74 -5.20
C ACE A 1 7.58 -1.62 -5.30
O ACE A 1 7.32 -0.42 -5.16
CH3 ACE A 1 8.97 -2.04 -5.75
H1 ACE A 1 9.60 -1.16 -5.88
H2 ACE A 1 9.42 -2.69 -4.99
H3 ACE A 1 8.90 -2.58 -6.69
N CYS A 2 6.70 -2.60 -5.11
CA CYS A 2 5.31 -2.40 -4.68
C CYS A 2 5.16 -2.70 -3.19
N THR A 3 4.47 -1.81 -2.48
CA THR A 3 4.24 -1.91 -1.04
C THR A 3 2.80 -1.48 -0.73
N TRP A 4 2.05 -2.35 -0.04
CA TRP A 4 0.75 -2.01 0.51
C TRP A 4 0.92 -1.26 1.83
N GLU A 5 0.16 -0.19 2.01
CA GLU A 5 0.07 0.58 3.25
C GLU A 5 -1.03 -0.04 4.11
N PRO A 6 -0.92 0.01 5.44
CA PRO A 6 -1.77 -0.73 6.36
C PRO A 6 -3.25 -0.34 6.28
N ASP A 7 -3.56 0.91 5.93
CA ASP A 7 -4.93 1.37 5.70
C ASP A 7 -5.60 0.65 4.54
N GLY A 8 -4.82 0.14 3.57
CA GLY A 8 -5.30 -0.54 2.38
C GLY A 8 -5.12 0.37 1.16
N LYS A 9 -3.88 0.77 0.91
CA LYS A 9 -3.50 1.66 -0.19
C LYS A 9 -2.21 1.12 -0.82
N LEU A 10 -2.31 0.64 -2.06
CA LEU A 10 -1.16 0.20 -2.84
C LEU A 10 -0.35 1.42 -3.29
N THR A 11 0.93 1.45 -2.91
CA THR A 11 1.90 2.45 -3.32
C THR A 11 3.07 1.70 -3.95
N CYS A 12 3.38 1.97 -5.23
CA CYS A 12 4.39 1.25 -5.97
C CYS A 12 5.21 2.18 -6.85
N NH2 A 13 6.52 1.93 -6.95
HN1 NH2 A 13 6.91 1.14 -6.44
HN2 NH2 A 13 7.11 2.51 -7.52
#